data_8BP5
#
_entry.id   8BP5
#
_cell.length_a   34.962
_cell.length_b   52.632
_cell.length_c   43.005
_cell.angle_alpha   90.000
_cell.angle_beta   92.930
_cell.angle_gamma   90.000
#
_symmetry.space_group_name_H-M   'P 1 21 1'
#
loop_
_entity.id
_entity.type
_entity.pdbx_description
1 polymer 'Disks large-like protein 1'
2 water water
#
_entity_poly.entity_id   1
_entity_poly.type   'polypeptide(L)'
_entity_poly.pdbx_seq_one_letter_code
;LGSQYLDIVLLRGSSGLGFSIAGGTDNPHFDNDTSIYITKVIPGGAAEADGRLKVYDTIVAVDDQLMEDVAHQVCVDALK
SAGSEVKLRVKR
;
_entity_poly.pdbx_strand_id   A,B
#
# COMPACT_ATOMS: atom_id res chain seq x y z
N GLN A 4 -13.45 9.53 -5.09
CA GLN A 4 -13.08 10.40 -6.22
C GLN A 4 -11.96 9.77 -7.06
N TYR A 5 -11.87 10.19 -8.32
CA TYR A 5 -10.86 9.69 -9.25
C TYR A 5 -10.21 10.86 -9.97
N LEU A 6 -8.93 10.71 -10.28
CA LEU A 6 -8.20 11.71 -11.05
C LEU A 6 -7.66 11.05 -12.33
N ASP A 7 -7.85 11.73 -13.46
CA ASP A 7 -7.41 11.23 -14.76
C ASP A 7 -6.10 11.91 -15.12
N ILE A 8 -5.03 11.12 -15.22
CA ILE A 8 -3.67 11.61 -15.45
C ILE A 8 -3.22 11.11 -16.81
N VAL A 9 -3.00 12.04 -17.73
CA VAL A 9 -2.44 11.71 -19.03
C VAL A 9 -0.93 11.90 -18.97
N LEU A 10 -0.18 10.84 -19.28
CA LEU A 10 1.27 10.84 -19.21
C LEU A 10 1.87 10.56 -20.58
N LEU A 11 2.94 11.28 -20.92
CA LEU A 11 3.73 11.01 -22.11
C LEU A 11 4.88 10.07 -21.74
N ARG A 12 4.98 8.95 -22.44
CA ARG A 12 6.03 7.98 -22.14
C ARG A 12 7.39 8.57 -22.45
N GLY A 13 8.34 8.42 -21.52
CA GLY A 13 9.66 8.97 -21.66
C GLY A 13 10.69 7.91 -22.03
N SER A 14 11.94 8.39 -22.21
CA SER A 14 13.07 7.50 -22.43
C SER A 14 13.01 6.28 -21.54
N SER A 15 12.78 6.48 -20.25
CA SER A 15 12.76 5.42 -19.26
C SER A 15 11.39 4.80 -19.08
N GLY A 16 10.45 5.08 -19.99
CA GLY A 16 9.10 4.60 -19.82
C GLY A 16 8.23 5.60 -19.08
N LEU A 17 7.21 5.12 -18.40
CA LEU A 17 6.32 6.01 -17.65
C LEU A 17 6.91 6.49 -16.34
N GLY A 18 7.98 5.85 -15.87
CA GLY A 18 8.62 6.32 -14.65
C GLY A 18 7.96 5.85 -13.37
N PHE A 19 7.35 4.67 -13.38
CA PHE A 19 6.84 4.09 -12.14
C PHE A 19 6.74 2.58 -12.33
N SER A 20 6.61 1.88 -11.20
CA SER A 20 6.33 0.45 -11.19
C SER A 20 5.09 0.20 -10.34
N ILE A 21 4.48 -0.97 -10.55
CA ILE A 21 3.22 -1.30 -9.92
C ILE A 21 3.34 -2.64 -9.22
N ALA A 22 2.46 -2.83 -8.23
CA ALA A 22 2.25 -4.14 -7.62
C ALA A 22 0.77 -4.30 -7.34
N GLY A 23 0.39 -5.49 -6.90
CA GLY A 23 -1.00 -5.81 -6.68
C GLY A 23 -1.57 -6.66 -7.79
N GLY A 24 -2.89 -6.76 -7.80
CA GLY A 24 -3.61 -7.60 -8.73
C GLY A 24 -4.21 -8.82 -8.04
N THR A 25 -5.16 -9.45 -8.74
CA THR A 25 -5.87 -10.58 -8.17
C THR A 25 -4.93 -11.74 -7.85
N ASP A 26 -3.81 -11.85 -8.55
CA ASP A 26 -2.83 -12.91 -8.31
C ASP A 26 -1.63 -12.43 -7.49
N ASN A 27 -1.65 -11.20 -6.98
CA ASN A 27 -0.61 -10.69 -6.10
C ASN A 27 -1.24 -9.76 -5.08
N PRO A 28 -2.17 -10.25 -4.27
CA PRO A 28 -2.94 -9.34 -3.41
C PRO A 28 -2.11 -8.80 -2.26
N HIS A 29 -2.54 -7.64 -1.78
CA HIS A 29 -1.94 -7.05 -0.59
C HIS A 29 -2.20 -7.93 0.63
N PHE A 30 -1.42 -7.69 1.69
CA PHE A 30 -1.54 -8.52 2.89
C PHE A 30 -2.92 -8.41 3.52
N ASP A 31 -3.66 -7.35 3.24
CA ASP A 31 -5.04 -7.22 3.67
C ASP A 31 -6.03 -7.71 2.63
N ASN A 32 -5.58 -8.51 1.67
CA ASN A 32 -6.38 -9.14 0.62
C ASN A 32 -6.87 -8.16 -0.44
N ASP A 33 -6.40 -6.93 -0.43
CA ASP A 33 -6.74 -5.97 -1.47
C ASP A 33 -6.06 -6.38 -2.77
N THR A 34 -6.85 -6.59 -3.82
CA THR A 34 -6.33 -6.98 -5.12
C THR A 34 -6.06 -5.80 -6.04
N SER A 35 -6.16 -4.57 -5.52
CA SER A 35 -5.98 -3.39 -6.34
C SER A 35 -4.56 -3.33 -6.89
N ILE A 36 -4.43 -2.69 -8.06
CA ILE A 36 -3.13 -2.34 -8.61
C ILE A 36 -2.75 -0.98 -8.04
N TYR A 37 -1.52 -0.87 -7.53
CA TYR A 37 -1.07 0.39 -6.96
C TYR A 37 0.37 0.64 -7.36
N ILE A 38 0.75 1.91 -7.30
CA ILE A 38 2.10 2.33 -7.67
C ILE A 38 3.04 2.05 -6.51
N THR A 39 4.06 1.23 -6.77
CA THR A 39 5.04 0.88 -5.73
C THR A 39 6.20 1.85 -5.66
N LYS A 40 6.65 2.34 -6.82
CA LYS A 40 7.81 3.21 -6.91
C LYS A 40 7.55 4.28 -7.96
N VAL A 41 7.96 5.50 -7.65
CA VAL A 41 8.02 6.59 -8.63
C VAL A 41 9.49 6.91 -8.84
N ILE A 42 9.96 6.75 -10.08
CA ILE A 42 11.38 6.93 -10.41
C ILE A 42 11.69 8.43 -10.45
N PRO A 43 12.54 8.95 -9.57
CA PRO A 43 12.87 10.37 -9.63
C PRO A 43 13.44 10.73 -10.99
N GLY A 44 12.97 11.86 -11.54
CA GLY A 44 13.37 12.28 -12.86
C GLY A 44 12.65 11.60 -14.00
N GLY A 45 11.74 10.67 -13.70
CA GLY A 45 10.97 10.01 -14.72
C GLY A 45 9.75 10.82 -15.14
N ALA A 46 8.99 10.25 -16.07
CA ALA A 46 7.83 10.94 -16.61
C ALA A 46 6.80 11.22 -15.53
N ALA A 47 6.46 10.21 -14.72
CA ALA A 47 5.42 10.39 -13.72
C ALA A 47 5.81 11.44 -12.69
N GLU A 48 7.06 11.38 -12.20
CA GLU A 48 7.51 12.36 -11.23
C GLU A 48 7.50 13.77 -11.82
N ALA A 49 8.14 13.94 -12.98
CA ALA A 49 8.20 15.26 -13.61
C ALA A 49 6.81 15.84 -13.81
N ASP A 50 5.83 14.99 -14.15
CA ASP A 50 4.45 15.47 -14.28
C ASP A 50 3.94 16.02 -12.96
N GLY A 51 4.23 15.32 -11.86
CA GLY A 51 3.95 15.83 -10.53
C GLY A 51 2.61 15.46 -9.95
N ARG A 52 1.78 14.72 -10.67
CA ARG A 52 0.45 14.38 -10.18
C ARG A 52 0.37 12.99 -9.57
N LEU A 53 1.13 12.03 -10.08
CA LEU A 53 1.11 10.68 -9.52
C LEU A 53 1.94 10.63 -8.24
N LYS A 54 1.48 9.83 -7.29
CA LYS A 54 2.19 9.59 -6.04
C LYS A 54 2.25 8.10 -5.76
N VAL A 55 3.35 7.67 -5.14
CA VAL A 55 3.53 6.26 -4.81
C VAL A 55 2.33 5.80 -3.99
N TYR A 56 1.94 4.53 -4.16
CA TYR A 56 0.80 3.92 -3.49
C TYR A 56 -0.53 4.48 -3.98
N ASP A 57 -0.52 5.27 -5.06
CA ASP A 57 -1.75 5.56 -5.78
C ASP A 57 -2.31 4.28 -6.37
N THR A 58 -3.62 4.12 -6.28
CA THR A 58 -4.31 2.97 -6.85
C THR A 58 -4.69 3.27 -8.29
N ILE A 59 -4.34 2.37 -9.19
CA ILE A 59 -4.65 2.51 -10.61
C ILE A 59 -6.05 1.96 -10.83
N VAL A 60 -6.99 2.82 -11.21
CA VAL A 60 -8.35 2.38 -11.49
C VAL A 60 -8.54 2.03 -12.96
N ALA A 61 -7.80 2.66 -13.88
CA ALA A 61 -7.96 2.37 -15.29
C ALA A 61 -6.72 2.78 -16.05
N VAL A 62 -6.49 2.14 -17.19
CA VAL A 62 -5.39 2.45 -18.10
C VAL A 62 -5.95 2.52 -19.51
N ASP A 63 -5.90 3.71 -20.10
CA ASP A 63 -6.42 3.96 -21.44
C ASP A 63 -7.85 3.44 -21.56
N ASP A 64 -8.68 3.81 -20.59
CA ASP A 64 -10.10 3.53 -20.54
C ASP A 64 -10.42 2.07 -20.23
N GLN A 65 -9.42 1.27 -19.87
CA GLN A 65 -9.62 -0.12 -19.47
C GLN A 65 -9.55 -0.20 -17.95
N LEU A 66 -10.65 -0.64 -17.34
CA LEU A 66 -10.71 -0.72 -15.88
C LEU A 66 -9.77 -1.81 -15.36
N MET A 67 -9.04 -1.46 -14.30
CA MET A 67 -8.12 -2.39 -13.65
C MET A 67 -8.62 -2.79 -12.27
N GLU A 68 -9.94 -2.88 -12.12
CA GLU A 68 -10.56 -3.35 -10.88
C GLU A 68 -10.66 -4.87 -10.94
N ASP A 69 -9.95 -5.55 -10.04
CA ASP A 69 -10.03 -7.00 -9.92
C ASP A 69 -9.47 -7.69 -11.18
N VAL A 70 -8.25 -7.32 -11.55
CA VAL A 70 -7.58 -7.89 -12.71
C VAL A 70 -6.24 -8.46 -12.27
N ALA A 71 -5.75 -9.41 -13.07
CA ALA A 71 -4.44 -9.98 -12.83
C ALA A 71 -3.35 -8.95 -13.11
N HIS A 72 -2.20 -9.13 -12.46
CA HIS A 72 -1.14 -8.14 -12.54
C HIS A 72 -0.71 -7.89 -13.98
N GLN A 73 -0.55 -8.96 -14.76
CA GLN A 73 -0.07 -8.80 -16.13
C GLN A 73 -1.09 -8.13 -17.04
N VAL A 74 -2.36 -8.17 -16.69
CA VAL A 74 -3.36 -7.40 -17.44
C VAL A 74 -2.99 -5.92 -17.43
N CYS A 75 -2.62 -5.40 -16.26
CA CYS A 75 -2.30 -3.98 -16.17
C CYS A 75 -0.95 -3.67 -16.79
N VAL A 76 0.03 -4.54 -16.59
CA VAL A 76 1.31 -4.37 -17.27
C VAL A 76 1.13 -4.36 -18.78
N ASP A 77 0.38 -5.35 -19.28
CA ASP A 77 0.11 -5.39 -20.72
C ASP A 77 -0.53 -4.09 -21.19
N ALA A 78 -1.51 -3.58 -20.44
CA ALA A 78 -2.18 -2.34 -20.83
C ALA A 78 -1.22 -1.15 -20.82
N LEU A 79 -0.37 -1.06 -19.79
CA LEU A 79 0.58 0.05 -19.71
C LEU A 79 1.60 -0.03 -20.85
N LYS A 80 2.04 -1.24 -21.18
CA LYS A 80 3.05 -1.40 -22.22
C LYS A 80 2.48 -1.18 -23.61
N SER A 81 1.19 -1.45 -23.80
CA SER A 81 0.54 -1.33 -25.10
C SER A 81 -0.13 0.02 -25.31
N ALA A 82 -0.10 0.91 -24.32
CA ALA A 82 -0.83 2.18 -24.42
C ALA A 82 -0.15 3.18 -25.34
N GLY A 83 1.07 2.89 -25.82
CA GLY A 83 1.73 3.78 -26.74
C GLY A 83 2.49 4.88 -26.02
N SER A 84 2.71 5.97 -26.75
CA SER A 84 3.49 7.09 -26.23
C SER A 84 2.68 8.01 -25.34
N GLU A 85 1.37 7.78 -25.21
CA GLU A 85 0.50 8.59 -24.36
C GLU A 85 -0.44 7.67 -23.61
N VAL A 86 -0.47 7.79 -22.29
CA VAL A 86 -1.22 6.90 -21.42
C VAL A 86 -2.15 7.73 -20.54
N LYS A 87 -3.43 7.37 -20.54
CA LYS A 87 -4.41 7.99 -19.66
C LYS A 87 -4.61 7.07 -18.46
N LEU A 88 -4.13 7.53 -17.30
CA LEU A 88 -4.25 6.79 -16.06
C LEU A 88 -5.34 7.41 -15.19
N ARG A 89 -6.28 6.59 -14.73
CA ARG A 89 -7.22 6.98 -13.70
C ARG A 89 -6.75 6.42 -12.37
N VAL A 90 -6.61 7.29 -11.38
CA VAL A 90 -6.12 6.89 -10.07
C VAL A 90 -7.10 7.37 -9.01
N LYS A 91 -7.01 6.75 -7.83
CA LYS A 91 -7.71 7.21 -6.64
C LYS A 91 -6.77 7.07 -5.45
N ARG A 92 -6.97 7.92 -4.45
CA ARG A 92 -6.20 7.86 -3.21
C ARG A 92 -6.86 8.68 -2.11
N LEU B 1 2.41 0.27 34.70
CA LEU B 1 1.68 1.55 34.92
C LEU B 1 2.45 2.73 34.31
N GLY B 2 1.85 3.34 33.30
CA GLY B 2 2.43 4.46 32.61
C GLY B 2 3.10 4.17 31.30
N SER B 3 2.60 3.21 30.51
CA SER B 3 3.22 2.86 29.24
C SER B 3 2.22 3.06 28.11
N GLN B 4 2.61 3.84 27.11
CA GLN B 4 1.77 4.09 25.94
C GLN B 4 1.87 2.97 24.92
N TYR B 5 2.77 2.02 25.11
CA TYR B 5 3.05 0.98 24.13
C TYR B 5 2.43 -0.34 24.55
N LEU B 6 1.87 -1.05 23.57
CA LEU B 6 1.32 -2.39 23.75
C LEU B 6 2.03 -3.35 22.82
N ASP B 7 2.34 -4.54 23.35
CA ASP B 7 2.84 -5.65 22.53
C ASP B 7 1.68 -6.61 22.31
N ILE B 8 1.37 -6.89 21.04
CA ILE B 8 0.21 -7.69 20.65
C ILE B 8 0.69 -8.75 19.67
N VAL B 9 0.61 -10.02 20.08
CA VAL B 9 0.97 -11.13 19.21
C VAL B 9 -0.30 -11.55 18.48
N LEU B 10 -0.41 -11.14 17.22
CA LEU B 10 -1.57 -11.45 16.40
C LEU B 10 -1.34 -12.77 15.68
N LEU B 11 -2.29 -13.69 15.82
CA LEU B 11 -2.20 -15.00 15.19
C LEU B 11 -2.78 -14.92 13.78
N ARG B 12 -1.94 -15.19 12.79
CA ARG B 12 -2.38 -15.20 11.40
C ARG B 12 -3.59 -16.12 11.24
N GLY B 13 -4.52 -15.71 10.37
CA GLY B 13 -5.69 -16.50 10.06
C GLY B 13 -5.66 -17.02 8.64
N SER B 14 -6.67 -17.83 8.33
CA SER B 14 -6.77 -18.38 6.98
C SER B 14 -6.75 -17.29 5.93
N SER B 15 -7.26 -16.10 6.28
CA SER B 15 -7.40 -14.99 5.34
C SER B 15 -6.40 -13.88 5.59
N GLY B 16 -5.31 -14.19 6.31
CA GLY B 16 -4.28 -13.19 6.55
C GLY B 16 -4.42 -12.51 7.91
N LEU B 17 -3.93 -11.28 8.01
CA LEU B 17 -3.93 -10.56 9.28
C LEU B 17 -5.18 -9.74 9.48
N GLY B 18 -5.78 -9.23 8.41
CA GLY B 18 -7.08 -8.60 8.50
C GLY B 18 -7.09 -7.17 8.99
N PHE B 19 -6.07 -6.38 8.63
CA PHE B 19 -6.10 -4.95 8.89
C PHE B 19 -5.31 -4.23 7.80
N SER B 20 -5.67 -2.97 7.59
CA SER B 20 -5.04 -2.10 6.61
C SER B 20 -4.24 -1.00 7.30
N ILE B 21 -3.28 -0.42 6.57
CA ILE B 21 -2.38 0.57 7.12
C ILE B 21 -2.20 1.71 6.14
N ALA B 22 -1.69 2.83 6.66
CA ALA B 22 -1.30 3.98 5.86
C ALA B 22 -0.19 4.69 6.61
N GLY B 23 0.68 5.38 5.87
CA GLY B 23 1.73 6.18 6.45
C GLY B 23 3.10 5.76 5.96
N GLY B 24 4.11 6.42 6.53
CA GLY B 24 5.49 6.26 6.13
C GLY B 24 6.10 7.58 5.70
N THR B 25 7.42 7.54 5.54
CA THR B 25 8.14 8.75 5.14
C THR B 25 7.80 9.16 3.72
N ASP B 26 7.51 8.20 2.84
CA ASP B 26 7.14 8.49 1.46
C ASP B 26 5.64 8.55 1.26
N ASN B 27 4.86 8.42 2.34
CA ASN B 27 3.39 8.38 2.27
C ASN B 27 2.78 8.94 3.55
N PRO B 28 3.14 10.17 3.95
CA PRO B 28 2.68 10.68 5.24
C PRO B 28 1.16 10.73 5.31
N HIS B 29 0.60 10.13 6.36
CA HIS B 29 -0.83 10.16 6.56
C HIS B 29 -1.30 11.47 7.17
N PHE B 30 -0.40 12.21 7.83
CA PHE B 30 -0.72 13.52 8.38
C PHE B 30 0.46 14.45 8.10
N ASP B 31 0.23 15.74 8.31
CA ASP B 31 1.25 16.75 8.02
C ASP B 31 2.49 16.51 8.88
N ASN B 32 3.63 16.37 8.21
CA ASN B 32 4.92 16.19 8.87
C ASN B 32 4.95 14.95 9.76
N ASP B 33 4.05 13.99 9.51
CA ASP B 33 3.91 12.80 10.36
C ASP B 33 4.13 11.55 9.51
N THR B 34 5.20 10.82 9.81
CA THR B 34 5.59 9.65 9.04
C THR B 34 5.22 8.34 9.73
N SER B 35 4.41 8.39 10.78
CA SER B 35 4.02 7.19 11.49
C SER B 35 3.13 6.29 10.63
N ILE B 36 3.15 5.01 10.93
CA ILE B 36 2.31 4.02 10.27
C ILE B 36 1.07 3.82 11.12
N TYR B 37 -0.11 4.07 10.54
CA TYR B 37 -1.38 3.99 11.24
C TYR B 37 -2.20 2.82 10.73
N ILE B 38 -2.93 2.18 11.64
CA ILE B 38 -3.91 1.16 11.25
C ILE B 38 -5.18 1.88 10.81
N THR B 39 -5.56 1.71 9.56
CA THR B 39 -6.70 2.42 9.00
C THR B 39 -7.98 1.62 9.03
N LYS B 40 -7.91 0.29 9.11
CA LYS B 40 -9.11 -0.53 9.15
C LYS B 40 -8.82 -1.84 9.85
N VAL B 41 -9.70 -2.23 10.77
CA VAL B 41 -9.74 -3.58 11.34
C VAL B 41 -10.86 -4.30 10.61
N ILE B 42 -10.50 -5.12 9.65
CA ILE B 42 -11.46 -5.56 8.62
C ILE B 42 -12.37 -6.63 9.22
N PRO B 43 -13.69 -6.50 9.09
CA PRO B 43 -14.59 -7.55 9.57
C PRO B 43 -14.24 -8.90 8.96
N GLY B 44 -14.43 -9.95 9.76
CA GLY B 44 -14.11 -11.30 9.34
C GLY B 44 -12.64 -11.66 9.46
N GLY B 45 -11.77 -10.69 9.73
CA GLY B 45 -10.35 -10.94 9.75
C GLY B 45 -9.83 -11.32 11.12
N ALA B 46 -8.52 -11.61 11.16
CA ALA B 46 -7.89 -12.09 12.39
C ALA B 46 -7.75 -10.97 13.41
N ALA B 47 -7.42 -9.76 12.97
CA ALA B 47 -7.29 -8.65 13.91
C ALA B 47 -8.61 -8.38 14.62
N GLU B 48 -9.74 -8.51 13.91
CA GLU B 48 -11.03 -8.35 14.56
C GLU B 48 -11.28 -9.47 15.57
N ALA B 49 -11.09 -10.72 15.13
CA ALA B 49 -11.32 -11.86 16.01
C ALA B 49 -10.48 -11.74 17.29
N ASP B 50 -9.23 -11.29 17.15
CA ASP B 50 -8.38 -11.09 18.31
C ASP B 50 -8.97 -10.04 19.24
N GLY B 51 -9.41 -8.91 18.69
CA GLY B 51 -10.17 -7.92 19.42
C GLY B 51 -9.35 -6.89 20.16
N ARG B 52 -8.03 -6.90 20.03
CA ARG B 52 -7.18 -5.95 20.76
C ARG B 52 -6.74 -4.77 19.91
N LEU B 53 -6.48 -4.97 18.63
CA LEU B 53 -6.05 -3.86 17.78
C LEU B 53 -7.21 -2.92 17.50
N LYS B 54 -6.91 -1.63 17.46
CA LYS B 54 -7.89 -0.60 17.19
C LYS B 54 -7.41 0.27 16.03
N VAL B 55 -8.38 0.91 15.37
CA VAL B 55 -8.05 1.74 14.21
C VAL B 55 -7.28 2.98 14.68
N TYR B 56 -6.34 3.41 13.83
CA TYR B 56 -5.43 4.50 14.10
C TYR B 56 -4.51 4.23 15.29
N ASP B 57 -4.31 2.95 15.62
CA ASP B 57 -3.12 2.57 16.36
C ASP B 57 -1.89 2.85 15.50
N THR B 58 -0.82 3.32 16.13
CA THR B 58 0.43 3.55 15.44
C THR B 58 1.28 2.28 15.53
N ILE B 59 1.68 1.75 14.38
CA ILE B 59 2.51 0.55 14.33
C ILE B 59 3.95 0.98 14.62
N VAL B 60 4.46 0.61 15.80
CA VAL B 60 5.81 0.97 16.18
C VAL B 60 6.82 -0.08 15.75
N ALA B 61 6.45 -1.36 15.77
CA ALA B 61 7.36 -2.42 15.42
C ALA B 61 6.58 -3.62 14.93
N VAL B 62 7.14 -4.33 13.94
CA VAL B 62 6.59 -5.57 13.44
C VAL B 62 7.63 -6.64 13.68
N ASP B 63 7.32 -7.61 14.55
CA ASP B 63 8.31 -8.56 15.03
C ASP B 63 9.47 -7.80 15.66
N ASP B 64 10.65 -7.82 15.06
CA ASP B 64 11.81 -7.17 15.65
C ASP B 64 12.27 -5.93 14.89
N GLN B 65 11.43 -5.39 14.01
CA GLN B 65 11.83 -4.29 13.13
C GLN B 65 10.98 -3.06 13.44
N LEU B 66 11.65 -1.98 13.85
CA LEU B 66 10.96 -0.73 14.13
C LEU B 66 10.46 -0.10 12.84
N MET B 67 9.33 0.60 12.95
CA MET B 67 8.64 1.21 11.81
C MET B 67 8.55 2.72 11.98
N GLU B 68 9.58 3.32 12.56
CA GLU B 68 9.64 4.76 12.79
C GLU B 68 10.57 5.39 11.75
N ASP B 69 10.06 6.37 11.02
CA ASP B 69 10.83 7.05 9.97
C ASP B 69 11.29 6.04 8.92
N VAL B 70 10.38 5.18 8.48
CA VAL B 70 10.64 4.20 7.44
C VAL B 70 9.69 4.45 6.27
N ALA B 71 10.04 3.91 5.12
CA ALA B 71 9.15 3.96 3.97
C ALA B 71 7.97 3.01 4.18
N HIS B 72 6.85 3.35 3.55
CA HIS B 72 5.64 2.54 3.69
C HIS B 72 5.91 1.09 3.31
N GLN B 73 6.76 0.87 2.29
CA GLN B 73 7.03 -0.49 1.84
C GLN B 73 7.72 -1.31 2.92
N VAL B 74 8.58 -0.67 3.71
CA VAL B 74 9.29 -1.38 4.78
C VAL B 74 8.30 -2.12 5.66
N CYS B 75 7.20 -1.47 6.02
CA CYS B 75 6.23 -2.08 6.94
C CYS B 75 5.33 -3.06 6.21
N VAL B 76 4.97 -2.77 4.96
CA VAL B 76 4.23 -3.73 4.14
C VAL B 76 5.03 -5.02 4.00
N ASP B 77 6.31 -4.89 3.66
CA ASP B 77 7.13 -6.09 3.49
C ASP B 77 7.18 -6.92 4.77
N ALA B 78 7.29 -6.26 5.92
CA ALA B 78 7.36 -7.01 7.18
C ALA B 78 6.04 -7.71 7.48
N LEU B 79 4.92 -7.09 7.12
CA LEU B 79 3.62 -7.71 7.38
C LEU B 79 3.31 -8.85 6.40
N LYS B 80 3.67 -8.67 5.13
CA LYS B 80 3.37 -9.70 4.14
C LYS B 80 4.21 -10.95 4.38
N SER B 81 5.42 -10.80 4.91
CA SER B 81 6.32 -11.91 5.17
C SER B 81 6.18 -12.46 6.58
N ALA B 82 5.13 -12.09 7.30
CA ALA B 82 4.95 -12.55 8.67
C ALA B 82 4.67 -14.05 8.70
N GLY B 83 5.06 -14.68 9.80
CA GLY B 83 4.81 -16.10 9.99
C GLY B 83 3.40 -16.34 10.52
N SER B 84 3.25 -17.50 11.16
CA SER B 84 1.95 -17.83 11.76
C SER B 84 1.60 -16.89 12.90
N GLU B 85 2.60 -16.31 13.56
CA GLU B 85 2.40 -15.30 14.59
C GLU B 85 3.20 -14.07 14.21
N VAL B 86 2.58 -12.89 14.36
CA VAL B 86 3.25 -11.62 14.13
C VAL B 86 3.14 -10.79 15.41
N LYS B 87 4.27 -10.32 15.89
CA LYS B 87 4.33 -9.50 17.09
C LYS B 87 4.25 -8.03 16.69
N LEU B 88 3.19 -7.36 17.09
CA LEU B 88 2.98 -5.95 16.76
C LEU B 88 3.13 -5.11 18.02
N ARG B 89 4.06 -4.16 17.99
CA ARG B 89 4.15 -3.13 19.01
C ARG B 89 3.37 -1.92 18.51
N VAL B 90 2.42 -1.45 19.32
CA VAL B 90 1.56 -0.35 18.93
C VAL B 90 1.62 0.72 20.00
N LYS B 91 1.49 1.98 19.57
CA LYS B 91 1.46 3.13 20.46
C LYS B 91 0.08 3.79 20.38
N ARG B 92 -0.41 4.26 21.52
CA ARG B 92 -1.69 4.95 21.58
C ARG B 92 -1.57 6.24 22.35
#